data_4G67
#
_entry.id   4G67
#
_cell.length_a   45.630
_cell.length_b   74.550
_cell.length_c   111.790
_cell.angle_alpha   90.000
_cell.angle_beta   90.000
_cell.angle_gamma   90.000
#
_symmetry.space_group_name_H-M   'P 21 21 21'
#
loop_
_entity.id
_entity.type
_entity.pdbx_description
1 polymer 'Uncharacterized ACR, COG1565 superfamily'
2 non-polymer S-ADENOSYL-L-HOMOCYSTEINE
3 non-polymer 1,2-ETHANEDIOL
4 non-polymer 'SULFATE ION'
5 water water
#
_entity_poly.entity_id   1
_entity_poly.type   'polypeptide(L)'
_entity_poly.pdbx_seq_one_letter_code
;MAHHHHHHMGTLEAQTQGPGSMVSQVSAGTVIYNAGMNPKAHEPASLPVPGPDALAQSEALAASLRAEIASAGGWIPFSR
YMERVLYAPGMGYYSGGAQKFGRRADDGSDFVTAPELSPLFAQTLARPVAQALDASGTRRVMEFGAGTGKLAAGLLTALA
ALGVELDEYAIVDLSGELRARQRETLGAQAPGLAARVRWLDALPERFEGVVVGNEVLDAMPVRLVAKQARGWCERGVSID
DAGAFVFADRPFARAEEAARLAGIDADEGYVTETHDAAVAFVRTVCAMLARGAAFFIDYGFPSHEYYHRQRAQGTLMCHY
RHRAHGDPFVYPGLQDITAHVEFSAIHEAGVGAGADLLGYTSQARFLLNAGITDVLAEIDPSDAQHFLPAANAVQKLISE
AEMGELFKVIAFSRGIDGALDAFARGDRSHTL
;
_entity_poly.pdbx_strand_id   A
#
# COMPACT_ATOMS: atom_id res chain seq x y z
N SER A 46 -26.98 2.65 -0.91
CA SER A 46 -26.16 1.63 -1.65
C SER A 46 -25.15 0.93 -0.72
N LEU A 47 -24.58 1.69 0.21
CA LEU A 47 -23.58 1.15 1.14
C LEU A 47 -24.27 0.43 2.30
N PRO A 48 -23.77 -0.77 2.69
CA PRO A 48 -24.32 -1.46 3.86
C PRO A 48 -24.26 -0.60 5.11
N VAL A 49 -25.27 -0.70 5.95
CA VAL A 49 -25.34 0.04 7.20
C VAL A 49 -24.57 -0.79 8.25
N PRO A 50 -23.60 -0.16 8.92
CA PRO A 50 -22.94 -0.84 10.01
C PRO A 50 -23.89 -1.22 11.12
N GLY A 51 -23.52 -2.24 11.90
CA GLY A 51 -24.23 -2.58 13.11
C GLY A 51 -24.16 -1.46 14.14
N PRO A 52 -25.06 -1.52 15.12
CA PRO A 52 -25.18 -0.39 16.04
C PRO A 52 -23.91 -0.22 16.91
N ASP A 53 -23.24 -1.32 17.23
CA ASP A 53 -21.99 -1.18 18.03
C ASP A 53 -20.83 -0.55 17.24
N ALA A 54 -20.72 -0.90 15.96
CA ALA A 54 -19.75 -0.29 15.09
C ALA A 54 -20.09 1.22 14.87
N LEU A 55 -21.38 1.54 14.71
CA LEU A 55 -21.79 2.95 14.52
C LEU A 55 -21.41 3.77 15.75
N ALA A 56 -21.51 3.17 16.93
CA ALA A 56 -21.16 3.89 18.20
C ALA A 56 -19.67 4.27 18.25
N GLN A 57 -18.82 3.37 17.79
CA GLN A 57 -17.38 3.62 17.67
C GLN A 57 -17.09 4.77 16.68
N SER A 58 -17.72 4.71 15.50
CA SER A 58 -17.55 5.73 14.47
C SER A 58 -18.05 7.08 14.94
N GLU A 59 -19.18 7.10 15.67
CA GLU A 59 -19.75 8.32 16.23
C GLU A 59 -18.83 8.96 17.27
N ALA A 60 -18.19 8.15 18.11
CA ALA A 60 -17.28 8.69 19.08
C ALA A 60 -16.05 9.33 18.39
N LEU A 61 -15.56 8.67 17.34
CA LEU A 61 -14.43 9.16 16.56
C LEU A 61 -14.79 10.47 15.89
N ALA A 62 -15.97 10.46 15.26
CA ALA A 62 -16.47 11.64 14.57
C ALA A 62 -16.61 12.82 15.51
N ALA A 63 -17.25 12.60 16.66
CA ALA A 63 -17.47 13.70 17.59
C ALA A 63 -16.15 14.29 18.07
N SER A 64 -15.17 13.43 18.36
CA SER A 64 -13.86 13.93 18.76
C SER A 64 -13.20 14.76 17.63
N LEU A 65 -13.32 14.26 16.40
CA LEU A 65 -12.75 14.96 15.26
C LEU A 65 -13.43 16.31 15.00
N ARG A 66 -14.75 16.39 15.19
CA ARG A 66 -15.45 17.71 15.08
C ARG A 66 -14.86 18.70 16.09
N ALA A 67 -14.69 18.22 17.32
CA ALA A 67 -14.13 19.02 18.39
C ALA A 67 -12.71 19.46 18.06
N GLU A 68 -11.92 18.57 17.47
CA GLU A 68 -10.55 18.88 17.06
C GLU A 68 -10.53 19.96 15.94
N ILE A 69 -11.40 19.82 14.95
CA ILE A 69 -11.44 20.81 13.85
C ILE A 69 -11.85 22.17 14.45
N ALA A 70 -12.81 22.18 15.35
CA ALA A 70 -13.22 23.46 16.01
C ALA A 70 -12.04 24.10 16.75
N SER A 71 -11.34 23.30 17.55
CA SER A 71 -10.21 23.83 18.31
CA SER A 71 -10.19 23.79 18.30
C SER A 71 -9.07 24.33 17.39
N ALA A 72 -8.98 23.77 16.17
CA ALA A 72 -7.98 24.14 15.18
C ALA A 72 -8.33 25.43 14.39
N GLY A 73 -9.51 25.94 14.59
CA GLY A 73 -9.92 27.14 13.86
C GLY A 73 -10.95 26.87 12.80
N GLY A 74 -11.36 25.61 12.66
CA GLY A 74 -12.43 25.23 11.76
C GLY A 74 -12.04 24.58 10.46
N TRP A 75 -10.74 24.37 10.23
CA TRP A 75 -10.24 23.76 8.99
C TRP A 75 -8.98 22.99 9.27
N ILE A 76 -8.89 21.79 8.70
CA ILE A 76 -7.70 21.00 8.74
C ILE A 76 -7.38 20.47 7.33
N PRO A 77 -6.11 20.21 7.05
CA PRO A 77 -5.78 19.56 5.77
C PRO A 77 -6.34 18.18 5.69
N PHE A 78 -6.50 17.70 4.47
CA PHE A 78 -7.09 16.39 4.28
C PHE A 78 -6.17 15.32 4.83
N SER A 79 -4.88 15.59 4.80
CA SER A 79 -3.94 14.63 5.38
C SER A 79 -4.19 14.39 6.87
N ARG A 80 -4.53 15.44 7.62
CA ARG A 80 -4.81 15.29 9.06
C ARG A 80 -6.12 14.52 9.27
N TYR A 81 -7.13 14.83 8.46
CA TYR A 81 -8.37 14.07 8.48
C TYR A 81 -8.10 12.55 8.31
N MET A 82 -7.33 12.20 7.28
CA MET A 82 -6.97 10.78 7.02
C MET A 82 -6.15 10.18 8.15
N GLU A 83 -5.19 10.95 8.63
CA GLU A 83 -4.36 10.56 9.77
C GLU A 83 -5.30 10.14 10.92
N ARG A 84 -6.35 10.93 11.18
CA ARG A 84 -7.24 10.61 12.29
C ARG A 84 -8.15 9.42 11.99
N VAL A 85 -8.87 9.46 10.88
CA VAL A 85 -9.93 8.44 10.68
C VAL A 85 -9.33 7.07 10.39
N LEU A 86 -8.12 7.07 9.82
CA LEU A 86 -7.42 5.83 9.49
C LEU A 86 -6.43 5.36 10.56
N TYR A 87 -5.74 6.30 11.23
CA TYR A 87 -4.61 5.95 12.09
C TYR A 87 -4.65 6.49 13.53
N ALA A 88 -5.78 7.08 13.95
CA ALA A 88 -5.89 7.47 15.36
C ALA A 88 -5.57 6.29 16.26
N PRO A 89 -4.73 6.50 17.30
CA PRO A 89 -4.50 5.37 18.19
C PRO A 89 -5.85 4.86 18.69
N GLY A 90 -5.98 3.55 18.71
CA GLY A 90 -7.18 2.86 19.21
C GLY A 90 -8.42 2.91 18.34
N MET A 91 -8.68 4.07 17.73
CA MET A 91 -9.94 4.33 16.99
C MET A 91 -9.87 4.39 15.46
N GLY A 92 -8.69 4.64 14.92
CA GLY A 92 -8.50 4.63 13.48
C GLY A 92 -8.91 3.32 12.82
N TYR A 93 -9.33 3.39 11.55
CA TYR A 93 -9.66 2.18 10.76
C TYR A 93 -8.59 1.07 10.87
N TYR A 94 -7.34 1.47 10.73
CA TYR A 94 -6.24 0.54 10.75
C TYR A 94 -5.70 0.27 12.15
N SER A 95 -6.25 0.91 13.19
CA SER A 95 -5.96 0.55 14.58
C SER A 95 -7.04 -0.43 15.06
N GLY A 96 -6.96 -1.64 14.52
CA GLY A 96 -8.02 -2.61 14.66
C GLY A 96 -7.56 -3.92 14.08
N GLY A 97 -8.46 -4.90 14.18
CA GLY A 97 -8.18 -6.26 13.81
C GLY A 97 -8.24 -6.56 12.33
N ALA A 98 -8.29 -7.85 12.02
CA ALA A 98 -8.01 -8.33 10.67
C ALA A 98 -9.26 -8.60 9.84
N GLN A 99 -10.44 -8.42 10.43
CA GLN A 99 -11.67 -8.69 9.64
C GLN A 99 -11.73 -7.95 8.32
N LYS A 100 -11.13 -6.74 8.27
CA LYS A 100 -11.22 -5.91 7.07
C LYS A 100 -10.57 -6.50 5.82
N PHE A 101 -9.64 -7.42 6.01
CA PHE A 101 -8.94 -8.11 4.90
C PHE A 101 -9.66 -9.42 4.53
N GLY A 102 -9.88 -9.63 3.25
CA GLY A 102 -10.55 -10.86 2.80
C GLY A 102 -10.83 -10.88 1.32
N ARG A 103 -11.72 -11.75 0.88
CA ARG A 103 -12.01 -11.91 -0.56
C ARG A 103 -13.33 -11.32 -1.02
N ARG A 104 -14.32 -11.34 -0.15
CA ARG A 104 -15.71 -11.07 -0.51
CA ARG A 104 -15.66 -10.90 -0.54
C ARG A 104 -16.48 -10.41 0.63
N ALA A 105 -17.56 -9.71 0.29
CA ALA A 105 -18.37 -9.06 1.29
C ALA A 105 -18.88 -10.11 2.28
N ASP A 106 -19.17 -11.33 1.83
CA ASP A 106 -19.80 -12.30 2.74
C ASP A 106 -18.82 -12.90 3.75
N ASP A 107 -17.53 -12.58 3.66
CA ASP A 107 -16.63 -12.88 4.79
C ASP A 107 -16.45 -11.73 5.81
N GLY A 108 -17.13 -10.60 5.58
CA GLY A 108 -17.03 -9.43 6.45
C GLY A 108 -15.91 -8.44 6.17
N SER A 109 -15.14 -8.65 5.08
CA SER A 109 -13.98 -7.83 4.72
C SER A 109 -14.44 -6.62 3.93
N ASP A 110 -13.54 -5.67 3.78
CA ASP A 110 -13.79 -4.42 3.05
C ASP A 110 -13.13 -4.37 1.69
N PHE A 111 -12.00 -5.09 1.52
CA PHE A 111 -11.32 -5.09 0.23
C PHE A 111 -10.44 -6.34 0.16
N VAL A 112 -10.15 -6.77 -1.05
CA VAL A 112 -9.23 -7.88 -1.29
C VAL A 112 -7.85 -7.30 -1.68
N THR A 113 -6.80 -8.03 -1.34
CA THR A 113 -5.44 -7.72 -1.74
C THR A 113 -4.86 -9.05 -2.29
N ALA A 114 -3.74 -8.97 -3.00
CA ALA A 114 -3.14 -10.15 -3.62
C ALA A 114 -2.83 -11.30 -2.60
N PRO A 115 -2.31 -10.99 -1.42
CA PRO A 115 -2.11 -12.06 -0.44
C PRO A 115 -3.39 -12.76 -0.01
N GLU A 116 -4.49 -12.03 0.05
CA GLU A 116 -5.79 -12.64 0.41
C GLU A 116 -6.38 -13.42 -0.73
N LEU A 117 -6.04 -13.02 -1.93
CA LEU A 117 -6.55 -13.65 -3.13
C LEU A 117 -5.99 -15.04 -3.37
N SER A 118 -4.68 -15.20 -3.27
CA SER A 118 -4.05 -16.43 -3.67
C SER A 118 -2.65 -16.62 -3.09
N PRO A 119 -2.32 -17.84 -2.67
CA PRO A 119 -0.93 -18.11 -2.30
C PRO A 119 0.09 -17.99 -3.43
N LEU A 120 -0.35 -18.03 -4.67
CA LEU A 120 0.59 -17.95 -5.79
C LEU A 120 1.28 -16.59 -5.88
N PHE A 121 0.67 -15.56 -5.31
CA PHE A 121 1.32 -14.24 -5.22
C PHE A 121 2.61 -14.33 -4.39
N ALA A 122 2.52 -14.73 -3.15
CA ALA A 122 3.73 -14.89 -2.32
C ALA A 122 4.71 -15.87 -2.91
N GLN A 123 4.22 -16.98 -3.48
CA GLN A 123 5.11 -18.01 -4.04
C GLN A 123 5.95 -17.44 -5.20
N THR A 124 5.34 -16.56 -5.98
CA THR A 124 6.02 -15.90 -7.10
C THR A 124 6.98 -14.82 -6.57
N LEU A 125 6.51 -13.97 -5.65
CA LEU A 125 7.33 -12.89 -5.08
C LEU A 125 8.58 -13.41 -4.38
N ALA A 126 8.50 -14.61 -3.84
CA ALA A 126 9.66 -15.23 -3.20
C ALA A 126 10.85 -15.36 -4.15
N ARG A 127 10.61 -15.46 -5.46
CA ARG A 127 11.73 -15.69 -6.41
C ARG A 127 12.63 -14.46 -6.51
N PRO A 128 12.05 -13.27 -6.82
CA PRO A 128 12.90 -12.08 -6.76
C PRO A 128 13.41 -11.68 -5.39
N VAL A 129 12.63 -11.94 -4.34
CA VAL A 129 13.16 -11.75 -2.98
C VAL A 129 14.42 -12.60 -2.75
N ALA A 130 14.36 -13.88 -3.04
CA ALA A 130 15.53 -14.74 -2.93
C ALA A 130 16.73 -14.29 -3.78
N GLN A 131 16.48 -13.87 -5.01
CA GLN A 131 17.55 -13.39 -5.87
C GLN A 131 18.18 -12.10 -5.29
N ALA A 132 17.35 -11.23 -4.76
CA ALA A 132 17.85 -10.02 -4.10
C ALA A 132 18.65 -10.28 -2.82
N LEU A 133 18.20 -11.23 -1.99
CA LEU A 133 18.97 -11.68 -0.82
C LEU A 133 20.33 -12.23 -1.28
N ASP A 134 20.32 -13.10 -2.29
CA ASP A 134 21.55 -13.70 -2.81
C ASP A 134 22.51 -12.62 -3.36
N ALA A 135 21.98 -11.74 -4.18
CA ALA A 135 22.81 -10.73 -4.84
C ALA A 135 23.42 -9.77 -3.83
N SER A 136 22.68 -9.47 -2.79
CA SER A 136 23.16 -8.55 -1.79
C SER A 136 23.86 -9.23 -0.66
N GLY A 137 23.84 -10.55 -0.61
CA GLY A 137 24.49 -11.27 0.47
C GLY A 137 23.85 -11.07 1.81
N THR A 138 22.51 -10.91 1.84
CA THR A 138 21.76 -10.71 3.09
C THR A 138 20.79 -11.86 3.39
N ARG A 139 20.16 -11.85 4.57
CA ARG A 139 19.44 -13.03 5.07
C ARG A 139 18.25 -12.70 5.97
N ARG A 140 17.64 -11.53 5.74
CA ARG A 140 16.50 -11.09 6.52
C ARG A 140 15.47 -10.46 5.59
N VAL A 141 14.22 -10.62 5.94
CA VAL A 141 13.13 -9.90 5.24
C VAL A 141 12.41 -9.03 6.25
N MET A 142 11.96 -7.83 5.83
CA MET A 142 11.16 -6.94 6.67
C MET A 142 9.94 -6.55 5.88
N GLU A 143 8.76 -6.87 6.41
CA GLU A 143 7.50 -6.48 5.80
C GLU A 143 6.81 -5.40 6.61
N PHE A 144 6.42 -4.33 5.92
CA PHE A 144 5.55 -3.30 6.46
C PHE A 144 4.08 -3.59 6.15
N GLY A 145 3.19 -3.35 7.10
CA GLY A 145 1.76 -3.52 6.84
C GLY A 145 1.40 -4.95 6.49
N ALA A 146 1.65 -5.88 7.43
CA ALA A 146 1.59 -7.31 7.11
C ALA A 146 0.18 -7.89 7.02
N GLY A 147 -0.85 -7.11 7.30
CA GLY A 147 -2.24 -7.59 7.14
C GLY A 147 -2.53 -8.83 8.00
N THR A 148 -3.07 -9.89 7.41
CA THR A 148 -3.36 -11.12 8.17
C THR A 148 -2.18 -12.01 8.44
N GLY A 149 -1.03 -11.72 7.83
CA GLY A 149 0.13 -12.58 7.92
C GLY A 149 0.28 -13.54 6.75
N LYS A 150 -0.68 -13.55 5.83
CA LYS A 150 -0.60 -14.47 4.71
C LYS A 150 0.62 -14.30 3.84
N LEU A 151 0.97 -13.06 3.52
CA LEU A 151 2.14 -12.80 2.70
C LEU A 151 3.42 -13.33 3.39
N ALA A 152 3.54 -13.08 4.70
CA ALA A 152 4.68 -13.55 5.47
C ALA A 152 4.77 -15.08 5.52
N ALA A 153 3.65 -15.72 5.80
CA ALA A 153 3.63 -17.18 5.85
C ALA A 153 4.01 -17.76 4.49
N GLY A 154 3.48 -17.19 3.44
CA GLY A 154 3.72 -17.63 2.05
C GLY A 154 5.16 -17.41 1.63
N LEU A 155 5.73 -16.25 1.96
CA LEU A 155 7.11 -15.99 1.64
C LEU A 155 8.04 -16.94 2.38
N LEU A 156 7.76 -17.14 3.66
CA LEU A 156 8.60 -18.04 4.47
C LEU A 156 8.63 -19.44 3.86
N THR A 157 7.45 -19.95 3.56
CA THR A 157 7.41 -21.35 3.09
CA THR A 157 7.31 -21.32 3.03
C THR A 157 7.99 -21.44 1.67
N ALA A 158 7.79 -20.43 0.84
CA ALA A 158 8.30 -20.45 -0.52
C ALA A 158 9.81 -20.23 -0.57
N LEU A 159 10.30 -19.32 0.28
CA LEU A 159 11.74 -19.16 0.46
C LEU A 159 12.44 -20.45 0.92
N ALA A 160 11.84 -21.14 1.90
CA ALA A 160 12.38 -22.43 2.35
C ALA A 160 12.48 -23.43 1.22
N ALA A 161 11.42 -23.52 0.41
CA ALA A 161 11.40 -24.43 -0.74
C ALA A 161 12.46 -24.08 -1.81
N LEU A 162 12.85 -22.81 -1.85
CA LEU A 162 13.94 -22.34 -2.70
C LEU A 162 15.33 -22.58 -2.07
N GLY A 163 15.35 -23.11 -0.85
CA GLY A 163 16.58 -23.36 -0.09
C GLY A 163 17.11 -22.14 0.68
N VAL A 164 16.26 -21.11 0.86
CA VAL A 164 16.65 -19.90 1.57
C VAL A 164 16.14 -19.99 3.02
N GLU A 165 17.03 -19.87 3.98
CA GLU A 165 16.69 -19.81 5.40
C GLU A 165 17.00 -18.39 5.88
N LEU A 166 16.04 -17.71 6.48
CA LEU A 166 16.28 -16.34 6.95
C LEU A 166 16.70 -16.35 8.38
N ASP A 167 17.57 -15.42 8.75
CA ASP A 167 17.86 -15.13 10.17
C ASP A 167 16.64 -14.52 10.89
N GLU A 168 15.83 -13.76 10.15
CA GLU A 168 14.69 -13.05 10.74
C GLU A 168 13.72 -12.63 9.65
N TYR A 169 12.44 -12.69 9.96
CA TYR A 169 11.40 -12.03 9.17
C TYR A 169 10.74 -11.03 10.11
N ALA A 170 11.00 -9.75 9.89
CA ALA A 170 10.51 -8.71 10.77
C ALA A 170 9.20 -8.15 10.22
N ILE A 171 8.21 -8.03 11.08
CA ILE A 171 6.92 -7.42 10.72
C ILE A 171 6.82 -6.06 11.40
N VAL A 172 6.53 -5.06 10.58
CA VAL A 172 6.43 -3.69 10.99
C VAL A 172 5.04 -3.12 10.75
N ASP A 173 4.25 -3.05 11.82
CA ASP A 173 2.94 -2.39 11.76
C ASP A 173 2.90 -1.20 12.73
N LEU A 174 2.00 -0.27 12.49
CA LEU A 174 2.01 0.95 13.29
C LEU A 174 1.57 0.74 14.72
N SER A 175 0.75 -0.27 14.92
CA SER A 175 0.30 -0.69 16.25
C SER A 175 0.09 -2.19 16.22
N GLY A 176 -0.27 -2.80 17.37
CA GLY A 176 -0.16 -4.25 17.58
C GLY A 176 -1.39 -5.13 17.43
N GLU A 177 -2.48 -4.56 16.92
CA GLU A 177 -3.79 -5.19 16.90
C GLU A 177 -3.90 -6.40 15.94
N LEU A 178 -3.00 -6.49 14.95
CA LEU A 178 -3.01 -7.63 14.03
C LEU A 178 -2.05 -8.72 14.45
N ARG A 179 -1.31 -8.52 15.53
CA ARG A 179 -0.31 -9.51 15.91
C ARG A 179 -0.93 -10.89 16.18
N ALA A 180 -2.05 -10.95 16.88
CA ALA A 180 -2.67 -12.25 17.16
C ALA A 180 -3.11 -13.01 15.89
N ARG A 181 -3.73 -12.34 14.95
CA ARG A 181 -4.13 -12.98 13.72
CA ARG A 181 -4.14 -12.98 13.71
C ARG A 181 -2.90 -13.37 12.90
N GLN A 182 -1.90 -12.50 12.86
CA GLN A 182 -0.65 -12.85 12.16
C GLN A 182 -0.01 -14.11 12.75
N ARG A 183 -0.01 -14.23 14.08
CA ARG A 183 0.56 -15.41 14.74
C ARG A 183 -0.22 -16.64 14.38
N GLU A 184 -1.55 -16.53 14.38
CA GLU A 184 -2.45 -17.62 13.95
C GLU A 184 -2.19 -18.10 12.52
N THR A 185 -2.09 -17.16 11.57
CA THR A 185 -1.81 -17.46 10.19
C THR A 185 -0.45 -18.17 10.03
N LEU A 186 0.55 -17.66 10.73
CA LEU A 186 1.89 -18.20 10.62
C LEU A 186 1.92 -19.61 11.21
N GLY A 187 1.21 -19.80 12.32
CA GLY A 187 1.14 -21.14 12.96
C GLY A 187 0.43 -22.14 12.09
N ALA A 188 -0.59 -21.69 11.38
CA ALA A 188 -1.38 -22.56 10.52
C ALA A 188 -0.73 -22.84 9.19
N GLN A 189 -0.09 -21.83 8.59
CA GLN A 189 0.45 -21.91 7.21
C GLN A 189 1.97 -22.01 7.12
N ALA A 190 2.70 -21.74 8.19
CA ALA A 190 4.18 -21.86 8.16
C ALA A 190 4.75 -22.30 9.52
N PRO A 191 4.19 -23.38 10.09
CA PRO A 191 4.45 -23.74 11.49
C PRO A 191 5.92 -23.96 11.87
N GLY A 192 6.71 -24.50 10.95
CA GLY A 192 8.10 -24.79 11.29
C GLY A 192 9.04 -23.66 10.96
N LEU A 193 8.50 -22.54 10.47
CA LEU A 193 9.28 -21.34 10.07
C LEU A 193 8.89 -20.07 10.88
N ALA A 194 7.75 -20.12 11.55
CA ALA A 194 7.20 -18.98 12.28
C ALA A 194 8.12 -18.47 13.39
N ALA A 195 8.98 -19.34 13.90
CA ALA A 195 9.86 -18.98 15.01
C ALA A 195 10.86 -17.88 14.66
N ARG A 196 11.09 -17.65 13.35
CA ARG A 196 11.99 -16.62 12.84
C ARG A 196 11.33 -15.21 12.74
N VAL A 197 10.03 -15.14 12.98
CA VAL A 197 9.28 -13.88 12.89
C VAL A 197 9.46 -13.07 14.17
N ARG A 198 9.69 -11.76 13.96
CA ARG A 198 9.76 -10.74 15.01
C ARG A 198 8.82 -9.59 14.65
N TRP A 199 8.10 -9.11 15.64
CA TRP A 199 7.24 -7.92 15.50
C TRP A 199 7.96 -6.77 16.12
N LEU A 200 8.36 -5.81 15.31
CA LEU A 200 9.16 -4.71 15.82
C LEU A 200 8.32 -3.59 16.42
N ASP A 201 8.83 -3.01 17.49
CA ASP A 201 8.20 -1.81 18.08
C ASP A 201 8.83 -0.53 17.55
N ALA A 202 10.00 -0.68 16.97
CA ALA A 202 10.73 0.43 16.40
C ALA A 202 11.62 -0.07 15.26
N LEU A 203 11.93 0.81 14.33
CA LEU A 203 12.80 0.47 13.22
C LEU A 203 14.23 0.46 13.71
N PRO A 204 15.05 -0.47 13.19
CA PRO A 204 16.48 -0.34 13.45
C PRO A 204 17.06 0.88 12.72
N GLU A 205 18.20 1.37 13.18
CA GLU A 205 18.88 2.47 12.47
C GLU A 205 19.38 1.98 11.11
N ARG A 206 19.88 0.73 11.06
CA ARG A 206 20.23 0.12 9.77
C ARG A 206 19.68 -1.32 9.61
N PHE A 207 19.53 -1.74 8.36
CA PHE A 207 18.92 -3.03 8.05
C PHE A 207 19.65 -3.60 6.83
N GLU A 208 19.94 -4.89 6.90
CA GLU A 208 20.53 -5.62 5.81
C GLU A 208 19.56 -6.76 5.46
N GLY A 209 18.98 -6.68 4.27
CA GLY A 209 17.98 -7.63 3.84
C GLY A 209 17.02 -7.03 2.82
N VAL A 210 15.86 -7.68 2.67
CA VAL A 210 14.86 -7.25 1.71
C VAL A 210 13.60 -6.77 2.41
N VAL A 211 13.21 -5.56 2.05
CA VAL A 211 11.98 -4.98 2.50
C VAL A 211 10.86 -5.26 1.50
N VAL A 212 9.66 -5.54 2.02
CA VAL A 212 8.46 -5.73 1.21
CA VAL A 212 8.48 -5.65 1.16
C VAL A 212 7.29 -4.90 1.74
N GLY A 213 6.51 -4.24 0.86
CA GLY A 213 5.30 -3.63 1.29
C GLY A 213 4.28 -3.74 0.15
N ASN A 214 3.20 -4.50 0.36
CA ASN A 214 2.12 -4.64 -0.62
C ASN A 214 0.90 -3.82 -0.25
N GLU A 215 0.51 -2.86 -1.08
CA GLU A 215 -0.63 -1.95 -0.83
C GLU A 215 -0.49 -1.19 0.50
N VAL A 216 0.74 -0.74 0.77
CA VAL A 216 1.07 0.06 1.96
C VAL A 216 1.18 1.54 1.55
N LEU A 217 1.91 1.82 0.47
CA LEU A 217 2.01 3.20 -0.02
C LEU A 217 0.69 3.91 -0.35
N ASP A 218 -0.27 3.18 -0.92
CA ASP A 218 -1.60 3.73 -1.21
C ASP A 218 -2.40 4.16 0.03
N ALA A 219 -2.01 3.67 1.20
CA ALA A 219 -2.83 3.82 2.40
C ALA A 219 -2.36 5.02 3.18
N MET A 220 -1.33 5.69 2.71
CA MET A 220 -0.74 6.80 3.47
C MET A 220 -1.47 8.07 3.26
N PRO A 221 -1.51 8.91 4.29
CA PRO A 221 -2.24 10.18 4.12
C PRO A 221 -1.81 11.03 2.90
N VAL A 222 -2.78 11.66 2.24
CA VAL A 222 -2.54 12.56 1.14
C VAL A 222 -3.17 13.91 1.45
N ARG A 223 -2.61 14.94 0.84
CA ARG A 223 -3.29 16.25 0.77
C ARG A 223 -3.96 16.39 -0.57
N LEU A 224 -5.03 17.20 -0.62
CA LEU A 224 -5.78 17.41 -1.85
C LEU A 224 -5.53 18.84 -2.32
N VAL A 225 -5.34 18.99 -3.63
CA VAL A 225 -5.08 20.31 -4.20
C VAL A 225 -6.06 20.53 -5.34
N ALA A 226 -6.50 21.76 -5.52
CA ALA A 226 -7.53 22.05 -6.50
C ALA A 226 -7.14 23.27 -7.31
N LYS A 227 -7.36 23.18 -8.62
CA LYS A 227 -6.99 24.27 -9.52
C LYS A 227 -8.10 25.32 -9.50
N GLN A 228 -7.74 26.57 -9.24
CA GLN A 228 -8.67 27.72 -9.31
C GLN A 228 -8.54 28.43 -10.64
N ALA A 229 -9.34 29.48 -10.85
CA ALA A 229 -9.13 30.34 -12.01
C ALA A 229 -7.69 30.79 -11.92
N ARG A 230 -7.36 31.32 -10.73
CA ARG A 230 -6.02 31.81 -10.41
C ARG A 230 -5.18 30.81 -9.60
N GLY A 231 -4.35 30.03 -10.29
CA GLY A 231 -3.40 29.10 -9.64
C GLY A 231 -4.09 27.90 -8.98
N TRP A 232 -3.54 27.49 -7.85
CA TRP A 232 -3.96 26.29 -7.13
C TRP A 232 -4.22 26.64 -5.67
N CYS A 233 -5.07 25.87 -5.00
CA CYS A 233 -5.24 25.98 -3.55
C CYS A 233 -5.33 24.60 -2.89
N GLU A 234 -5.41 24.56 -1.56
CA GLU A 234 -5.55 23.31 -0.85
C GLU A 234 -6.98 23.03 -0.52
N ARG A 235 -7.41 21.79 -0.76
CA ARG A 235 -8.73 21.35 -0.39
C ARG A 235 -8.65 20.56 0.92
N GLY A 236 -9.29 21.10 1.96
CA GLY A 236 -9.25 20.47 3.29
C GLY A 236 -10.62 20.14 3.78
N VAL A 237 -10.76 20.08 5.11
CA VAL A 237 -11.97 19.62 5.75
C VAL A 237 -12.44 20.63 6.80
N SER A 238 -13.72 20.95 6.73
CA SER A 238 -14.42 21.77 7.72
C SER A 238 -15.70 21.05 8.11
N ILE A 239 -16.49 21.71 8.95
CA ILE A 239 -17.74 21.16 9.48
C ILE A 239 -18.80 22.16 9.11
N ASP A 240 -19.89 21.69 8.49
CA ASP A 240 -20.97 22.65 8.09
C ASP A 240 -21.92 22.97 9.24
N ASP A 241 -22.88 23.88 9.00
CA ASP A 241 -23.93 24.23 9.97
C ASP A 241 -24.59 23.00 10.67
N ALA A 242 -24.82 21.92 9.94
CA ALA A 242 -25.46 20.72 10.50
C ALA A 242 -24.52 19.75 11.22
N GLY A 243 -23.23 20.05 11.27
CA GLY A 243 -22.26 19.16 11.89
C GLY A 243 -21.70 18.09 10.97
N ALA A 244 -21.93 18.20 9.67
CA ALA A 244 -21.37 17.25 8.69
C ALA A 244 -19.97 17.67 8.26
N PHE A 245 -19.11 16.69 7.99
CA PHE A 245 -17.80 16.95 7.38
C PHE A 245 -18.01 17.40 5.94
N VAL A 246 -17.31 18.45 5.54
CA VAL A 246 -17.35 18.96 4.17
C VAL A 246 -15.94 19.34 3.69
N PHE A 247 -15.73 19.29 2.38
CA PHE A 247 -14.53 19.86 1.83
C PHE A 247 -14.65 21.37 1.87
N ALA A 248 -13.51 22.02 2.03
CA ALA A 248 -13.41 23.46 2.02
C ALA A 248 -11.99 23.83 1.60
N ASP A 249 -11.89 24.88 0.79
CA ASP A 249 -10.62 25.26 0.20
C ASP A 249 -9.96 26.41 0.97
N ARG A 250 -8.64 26.40 1.03
CA ARG A 250 -7.82 27.48 1.64
C ARG A 250 -6.61 27.75 0.76
N PRO A 251 -6.11 29.01 0.75
CA PRO A 251 -4.85 29.23 0.05
C PRO A 251 -3.67 28.51 0.69
N PHE A 252 -2.63 28.26 -0.09
CA PHE A 252 -1.37 27.73 0.44
C PHE A 252 -0.65 28.81 1.25
N ALA A 253 0.13 28.39 2.21
CA ALA A 253 0.93 29.33 3.01
C ALA A 253 2.14 29.91 2.26
N ARG A 254 2.73 29.12 1.36
CA ARG A 254 3.97 29.50 0.65
C ARG A 254 3.86 29.17 -0.85
N ALA A 255 4.64 29.90 -1.65
CA ALA A 255 4.53 29.86 -3.13
C ALA A 255 5.15 28.64 -3.76
N GLU A 256 6.21 28.11 -3.16
CA GLU A 256 6.75 26.80 -3.57
C GLU A 256 5.64 25.78 -3.74
N GLU A 257 4.56 25.97 -2.96
CA GLU A 257 3.50 24.98 -2.86
C GLU A 257 2.73 24.88 -4.15
N ALA A 258 2.42 26.02 -4.76
CA ALA A 258 1.73 26.05 -6.04
C ALA A 258 2.69 25.74 -7.17
N ALA A 259 3.94 26.14 -7.01
CA ALA A 259 4.87 26.05 -8.13
C ALA A 259 5.16 24.60 -8.48
N ARG A 260 5.08 23.69 -7.50
CA ARG A 260 5.31 22.28 -7.79
C ARG A 260 4.18 21.65 -8.62
N LEU A 261 3.04 22.36 -8.73
CA LEU A 261 1.90 21.88 -9.50
C LEU A 261 1.81 22.52 -10.89
N ALA A 262 2.69 23.48 -11.19
CA ALA A 262 2.62 24.29 -12.39
C ALA A 262 2.66 23.49 -13.69
N GLY A 263 3.34 22.35 -13.67
CA GLY A 263 3.46 21.47 -14.83
C GLY A 263 2.22 20.66 -15.18
N ILE A 264 1.26 20.60 -14.26
CA ILE A 264 0.01 19.90 -14.49
C ILE A 264 -0.88 20.68 -15.45
N ASP A 265 -1.29 20.05 -16.54
CA ASP A 265 -2.11 20.70 -17.56
C ASP A 265 -3.59 20.67 -17.15
N ALA A 266 -3.91 21.48 -16.12
CA ALA A 266 -5.20 21.44 -15.44
C ALA A 266 -6.11 22.59 -15.85
N ASP A 267 -7.34 22.24 -16.17
CA ASP A 267 -8.41 23.20 -16.28
C ASP A 267 -8.92 23.50 -14.89
N GLU A 268 -9.59 24.63 -14.77
CA GLU A 268 -10.20 25.04 -13.53
C GLU A 268 -11.13 23.93 -13.01
N GLY A 269 -11.07 23.66 -11.70
CA GLY A 269 -11.82 22.52 -11.14
C GLY A 269 -11.04 21.21 -10.94
N TYR A 270 -9.90 21.05 -11.60
CA TYR A 270 -9.09 19.85 -11.45
C TYR A 270 -8.77 19.66 -9.95
N VAL A 271 -8.91 18.45 -9.43
CA VAL A 271 -8.54 18.17 -8.05
C VAL A 271 -7.71 16.89 -8.05
N THR A 272 -6.61 16.90 -7.30
CA THR A 272 -5.75 15.75 -7.24
C THR A 272 -5.02 15.71 -5.86
N GLU A 273 -4.09 14.77 -5.75
CA GLU A 273 -3.49 14.45 -4.46
C GLU A 273 -1.99 14.71 -4.50
N THR A 274 -1.44 15.12 -3.36
CA THR A 274 0.00 15.14 -3.14
C THR A 274 0.31 14.08 -2.11
N HIS A 275 1.55 13.60 -2.13
CA HIS A 275 1.92 12.35 -1.46
C HIS A 275 3.16 12.45 -0.55
N ASP A 276 3.22 13.50 0.25
CA ASP A 276 4.35 13.76 1.11
C ASP A 276 4.60 12.62 2.10
N ALA A 277 3.51 12.04 2.62
CA ALA A 277 3.61 10.99 3.62
C ALA A 277 4.28 9.77 3.04
N ALA A 278 3.87 9.36 1.85
CA ALA A 278 4.51 8.21 1.17
C ALA A 278 5.98 8.47 0.80
N VAL A 279 6.27 9.69 0.37
CA VAL A 279 7.64 10.13 0.08
C VAL A 279 8.51 10.02 1.32
N ALA A 280 8.02 10.53 2.45
CA ALA A 280 8.76 10.46 3.73
C ALA A 280 9.02 8.98 4.14
N PHE A 281 8.00 8.15 3.99
CA PHE A 281 8.12 6.75 4.32
C PHE A 281 9.19 6.04 3.48
N VAL A 282 9.16 6.26 2.17
CA VAL A 282 10.16 5.64 1.30
C VAL A 282 11.57 6.16 1.60
N ARG A 283 11.73 7.46 1.90
CA ARG A 283 13.04 7.95 2.37
C ARG A 283 13.50 7.22 3.64
N THR A 284 12.60 7.07 4.60
CA THR A 284 12.94 6.38 5.84
C THR A 284 13.42 4.96 5.56
N VAL A 285 12.68 4.26 4.71
CA VAL A 285 13.02 2.89 4.35
C VAL A 285 14.38 2.80 3.66
N CYS A 286 14.60 3.69 2.70
CA CYS A 286 15.82 3.65 1.90
C CYS A 286 17.05 4.17 2.67
N ALA A 287 16.84 5.07 3.64
CA ALA A 287 17.95 5.51 4.51
C ALA A 287 18.32 4.40 5.53
N MET A 288 17.30 3.67 5.96
CA MET A 288 17.50 2.55 6.89
C MET A 288 18.24 1.41 6.21
N LEU A 289 17.86 1.12 4.96
CA LEU A 289 18.47 0.02 4.20
C LEU A 289 19.96 0.25 4.01
N ALA A 290 20.80 -0.67 4.49
CA ALA A 290 22.28 -0.55 4.32
C ALA A 290 22.77 -1.40 3.16
N ARG A 291 22.13 -2.55 2.98
CA ARG A 291 22.46 -3.48 1.94
CA ARG A 291 22.53 -3.55 1.98
C ARG A 291 21.27 -4.39 1.73
N GLY A 292 20.91 -4.62 0.47
CA GLY A 292 19.72 -5.42 0.14
C GLY A 292 18.80 -4.71 -0.84
N ALA A 293 17.49 -4.85 -0.62
CA ALA A 293 16.49 -4.27 -1.55
C ALA A 293 15.18 -3.98 -0.84
N ALA A 294 14.30 -3.20 -1.48
CA ALA A 294 12.98 -2.88 -1.02
C ALA A 294 12.03 -2.92 -2.20
N PHE A 295 10.97 -3.71 -2.06
CA PHE A 295 9.98 -3.82 -3.10
C PHE A 295 8.66 -3.25 -2.61
N PHE A 296 8.10 -2.33 -3.38
CA PHE A 296 6.74 -1.84 -3.14
C PHE A 296 5.83 -2.20 -4.27
N ILE A 297 4.75 -2.89 -3.94
CA ILE A 297 3.73 -3.26 -4.91
C ILE A 297 2.47 -2.45 -4.63
N ASP A 298 1.99 -1.75 -5.66
CA ASP A 298 0.86 -0.89 -5.47
C ASP A 298 0.26 -0.38 -6.76
N TYR A 299 -0.99 0.09 -6.69
CA TYR A 299 -1.62 0.66 -7.87
C TYR A 299 -1.23 2.13 -7.99
N GLY A 300 -0.95 2.53 -9.22
CA GLY A 300 -0.59 3.88 -9.56
C GLY A 300 0.16 4.03 -10.88
N PHE A 301 0.73 5.21 -11.04
CA PHE A 301 1.31 5.60 -12.31
C PHE A 301 2.52 6.52 -12.14
N PRO A 302 3.34 6.67 -13.19
CA PRO A 302 4.32 7.77 -13.24
C PRO A 302 3.63 9.12 -13.30
N SER A 303 4.39 10.17 -13.05
CA SER A 303 3.85 11.52 -12.94
CA SER A 303 3.85 11.50 -12.93
C SER A 303 3.09 12.00 -14.17
N HIS A 304 3.61 11.74 -15.37
CA HIS A 304 2.92 12.19 -16.59
C HIS A 304 1.54 11.55 -16.78
N GLU A 305 1.35 10.34 -16.27
CA GLU A 305 0.07 9.66 -16.27
C GLU A 305 -0.82 9.97 -15.07
N TYR A 306 -0.21 10.07 -13.87
CA TYR A 306 -0.93 10.42 -12.65
C TYR A 306 -1.61 11.77 -12.82
N TYR A 307 -0.86 12.76 -13.27
CA TYR A 307 -1.37 14.15 -13.36
C TYR A 307 -1.73 14.49 -14.80
N HIS A 308 -2.22 13.51 -15.54
CA HIS A 308 -2.67 13.72 -16.90
C HIS A 308 -3.90 14.68 -16.89
N ARG A 309 -4.01 15.50 -17.95
CA ARG A 309 -5.11 16.46 -18.08
C ARG A 309 -6.48 15.82 -17.86
N GLN A 310 -6.68 14.59 -18.32
CA GLN A 310 -7.96 13.90 -18.20
C GLN A 310 -8.28 13.40 -16.79
N ARG A 311 -7.28 13.25 -15.94
CA ARG A 311 -7.51 12.72 -14.60
C ARG A 311 -7.88 13.86 -13.63
N ALA A 312 -8.96 14.59 -13.96
CA ALA A 312 -9.30 15.84 -13.29
C ALA A 312 -10.02 15.68 -11.95
N GLN A 313 -10.41 14.45 -11.64
CA GLN A 313 -10.94 14.08 -10.32
C GLN A 313 -9.90 13.39 -9.46
N GLY A 314 -8.66 13.28 -9.94
CA GLY A 314 -7.63 12.61 -9.18
C GLY A 314 -7.93 11.11 -9.04
N THR A 315 -7.45 10.52 -7.95
CA THR A 315 -7.57 9.07 -7.75
C THR A 315 -8.15 8.64 -6.41
N LEU A 316 -8.55 9.59 -5.58
CA LEU A 316 -9.03 9.26 -4.23
C LEU A 316 -10.22 8.30 -4.31
N MET A 317 -10.15 7.21 -3.56
CA MET A 317 -11.27 6.25 -3.51
C MET A 317 -11.37 5.62 -2.10
N CYS A 318 -12.60 5.35 -1.68
CA CYS A 318 -12.87 4.70 -0.40
C CYS A 318 -13.46 3.30 -0.62
N HIS A 319 -13.14 2.37 0.27
CA HIS A 319 -13.58 0.97 0.14
C HIS A 319 -14.21 0.54 1.45
N TYR A 320 -15.43 0.05 1.33
CA TYR A 320 -16.24 -0.33 2.45
C TYR A 320 -17.10 -1.54 2.03
N ARG A 321 -16.86 -2.68 2.64
CA ARG A 321 -17.62 -3.91 2.35
C ARG A 321 -17.60 -4.25 0.85
N HIS A 322 -16.41 -4.08 0.25
CA HIS A 322 -16.21 -4.32 -1.18
C HIS A 322 -16.98 -3.40 -2.14
N ARG A 323 -17.38 -2.24 -1.65
CA ARG A 323 -17.92 -1.16 -2.46
C ARG A 323 -16.89 -0.04 -2.52
N ALA A 324 -16.62 0.43 -3.72
CA ALA A 324 -15.66 1.50 -3.92
C ALA A 324 -16.49 2.74 -4.17
N HIS A 325 -16.20 3.83 -3.45
CA HIS A 325 -16.95 5.05 -3.66
C HIS A 325 -16.12 6.26 -3.24
N GLY A 326 -16.60 7.45 -3.58
CA GLY A 326 -15.80 8.66 -3.48
C GLY A 326 -15.90 9.48 -2.22
N ASP A 327 -16.71 9.08 -1.25
CA ASP A 327 -16.99 9.93 -0.11
C ASP A 327 -16.22 9.53 1.18
N PRO A 328 -15.17 10.29 1.49
CA PRO A 328 -14.32 9.93 2.63
C PRO A 328 -14.93 10.33 3.97
N PHE A 329 -16.12 10.94 3.96
CA PHE A 329 -16.78 11.36 5.17
C PHE A 329 -17.81 10.39 5.69
N VAL A 330 -18.03 9.32 4.94
CA VAL A 330 -18.92 8.22 5.30
C VAL A 330 -18.29 7.33 6.37
N TYR A 331 -19.06 7.01 7.40
CA TYR A 331 -18.65 6.07 8.44
C TYR A 331 -17.16 6.18 8.79
N PRO A 332 -16.73 7.32 9.31
CA PRO A 332 -15.30 7.43 9.69
C PRO A 332 -14.84 6.37 10.67
N GLY A 333 -13.69 5.80 10.36
CA GLY A 333 -13.15 4.71 11.11
C GLY A 333 -13.60 3.34 10.71
N LEU A 334 -14.57 3.26 9.78
CA LEU A 334 -15.15 1.99 9.38
C LEU A 334 -14.86 1.62 7.94
N GLN A 335 -14.20 2.51 7.22
CA GLN A 335 -13.85 2.26 5.81
C GLN A 335 -12.47 2.79 5.53
N ASP A 336 -11.88 2.28 4.44
CA ASP A 336 -10.57 2.76 4.05
C ASP A 336 -10.73 3.94 3.15
N ILE A 337 -9.64 4.70 3.03
CA ILE A 337 -9.52 5.82 2.10
C ILE A 337 -8.12 5.71 1.49
N THR A 338 -8.03 5.62 0.17
CA THR A 338 -6.73 5.53 -0.46
C THR A 338 -6.64 6.48 -1.64
N ALA A 339 -5.42 6.73 -2.05
CA ALA A 339 -5.14 7.34 -3.33
C ALA A 339 -4.14 6.44 -4.03
N HIS A 340 -4.11 6.55 -5.35
CA HIS A 340 -3.13 5.81 -6.12
C HIS A 340 -1.73 6.37 -5.79
N VAL A 341 -0.71 5.60 -6.17
CA VAL A 341 0.67 5.92 -5.91
C VAL A 341 1.22 6.64 -7.14
N GLU A 342 1.94 7.74 -6.87
CA GLU A 342 2.59 8.47 -7.93
C GLU A 342 4.07 8.04 -7.91
N PHE A 343 4.41 7.13 -8.82
CA PHE A 343 5.68 6.44 -8.73
C PHE A 343 6.91 7.27 -9.09
N SER A 344 6.75 8.41 -9.77
CA SER A 344 7.96 9.25 -10.07
C SER A 344 8.50 9.84 -8.75
N ALA A 345 7.60 10.38 -7.94
CA ALA A 345 7.97 10.96 -6.66
C ALA A 345 8.52 9.85 -5.71
N ILE A 346 7.95 8.66 -5.78
CA ILE A 346 8.48 7.52 -4.99
C ILE A 346 9.92 7.19 -5.43
N HIS A 347 10.14 7.12 -6.75
CA HIS A 347 11.46 6.90 -7.31
C HIS A 347 12.45 7.95 -6.78
N GLU A 348 12.07 9.21 -6.89
CA GLU A 348 12.94 10.30 -6.46
C GLU A 348 13.21 10.25 -4.96
N ALA A 349 12.20 9.84 -4.19
CA ALA A 349 12.34 9.71 -2.76
C ALA A 349 13.39 8.68 -2.39
N GLY A 350 13.32 7.51 -3.01
CA GLY A 350 14.26 6.44 -2.67
C GLY A 350 15.69 6.76 -3.09
N VAL A 351 15.86 7.20 -4.33
CA VAL A 351 17.17 7.58 -4.84
C VAL A 351 17.78 8.79 -4.10
N GLY A 352 16.95 9.77 -3.74
CA GLY A 352 17.36 10.91 -2.93
C GLY A 352 17.85 10.58 -1.53
N ALA A 353 17.40 9.44 -1.00
CA ALA A 353 17.86 8.96 0.30
C ALA A 353 19.05 8.01 0.17
N GLY A 354 19.57 7.85 -1.03
CA GLY A 354 20.83 7.13 -1.21
C GLY A 354 20.73 5.73 -1.80
N ALA A 355 19.52 5.24 -2.08
CA ALA A 355 19.37 3.92 -2.70
C ALA A 355 19.44 4.02 -4.23
N ASP A 356 19.66 2.89 -4.87
CA ASP A 356 19.61 2.78 -6.33
C ASP A 356 18.20 2.34 -6.71
N LEU A 357 17.75 2.76 -7.90
CA LEU A 357 16.54 2.15 -8.48
C LEU A 357 16.87 0.80 -9.07
N LEU A 358 16.19 -0.23 -8.59
CA LEU A 358 16.43 -1.60 -9.03
C LEU A 358 15.49 -1.97 -10.18
N GLY A 359 14.27 -1.42 -10.18
CA GLY A 359 13.35 -1.59 -11.30
C GLY A 359 12.00 -0.98 -11.07
N TYR A 360 11.23 -0.90 -12.14
CA TYR A 360 9.85 -0.39 -12.09
C TYR A 360 9.11 -0.93 -13.29
N THR A 361 8.01 -1.62 -13.06
CA THR A 361 7.23 -2.21 -14.15
C THR A 361 5.81 -2.54 -13.63
N SER A 362 4.93 -2.99 -14.52
CA SER A 362 3.60 -3.41 -14.10
C SER A 362 3.70 -4.74 -13.35
N GLN A 363 2.69 -4.97 -12.51
CA GLN A 363 2.61 -6.20 -11.75
C GLN A 363 2.60 -7.43 -12.70
N ALA A 364 1.86 -7.34 -13.80
CA ALA A 364 1.86 -8.41 -14.80
C ALA A 364 3.31 -8.79 -15.22
N ARG A 365 4.08 -7.81 -15.64
CA ARG A 365 5.42 -8.06 -16.16
C ARG A 365 6.28 -8.62 -15.04
N PHE A 366 6.19 -8.00 -13.86
CA PHE A 366 7.00 -8.46 -12.71
C PHE A 366 6.69 -9.94 -12.40
N LEU A 367 5.40 -10.25 -12.24
CA LEU A 367 5.05 -11.60 -11.87
C LEU A 367 5.36 -12.64 -12.98
N LEU A 368 5.16 -12.25 -14.24
CA LEU A 368 5.46 -13.11 -15.40
C LEU A 368 6.98 -13.36 -15.42
N ASN A 369 7.76 -12.28 -15.34
CA ASN A 369 9.22 -12.40 -15.31
C ASN A 369 9.75 -13.25 -14.15
N ALA A 370 9.06 -13.14 -13.00
CA ALA A 370 9.42 -13.87 -11.80
C ALA A 370 9.03 -15.34 -11.87
N GLY A 371 8.16 -15.73 -12.79
CA GLY A 371 7.83 -17.14 -13.00
C GLY A 371 6.48 -17.60 -12.54
N ILE A 372 5.48 -16.70 -12.54
CA ILE A 372 4.18 -17.11 -12.05
C ILE A 372 3.57 -18.25 -12.89
N THR A 373 3.82 -18.27 -14.20
CA THR A 373 3.30 -19.36 -15.01
C THR A 373 3.94 -20.72 -14.66
N ASP A 374 5.23 -20.73 -14.29
CA ASP A 374 5.87 -21.94 -13.78
C ASP A 374 5.34 -22.33 -12.41
N VAL A 375 5.03 -21.33 -11.58
CA VAL A 375 4.40 -21.60 -10.28
C VAL A 375 3.04 -22.28 -10.49
N LEU A 376 2.22 -21.75 -11.40
CA LEU A 376 0.95 -22.37 -11.71
C LEU A 376 1.15 -23.79 -12.28
N ALA A 377 2.15 -23.97 -13.12
CA ALA A 377 2.40 -25.30 -13.74
C ALA A 377 2.83 -26.37 -12.73
N GLU A 378 3.20 -25.97 -11.51
CA GLU A 378 3.52 -26.94 -10.46
C GLU A 378 2.29 -27.69 -10.01
N ILE A 379 1.12 -27.06 -10.20
CA ILE A 379 -0.18 -27.69 -9.89
C ILE A 379 -0.70 -28.59 -11.05
N ASP A 380 -0.97 -29.85 -10.73
CA ASP A 380 -1.48 -30.81 -11.71
C ASP A 380 -2.84 -30.31 -12.26
N PRO A 381 -2.97 -30.11 -13.58
CA PRO A 381 -4.25 -29.67 -14.14
C PRO A 381 -5.44 -30.60 -13.88
N SER A 382 -5.16 -31.89 -13.61
CA SER A 382 -6.20 -32.87 -13.22
C SER A 382 -6.70 -32.68 -11.79
N ASP A 383 -5.94 -31.98 -10.96
CA ASP A 383 -6.41 -31.63 -9.63
C ASP A 383 -7.26 -30.34 -9.72
N ALA A 384 -8.51 -30.51 -10.15
CA ALA A 384 -9.41 -29.38 -10.46
C ALA A 384 -9.67 -28.43 -9.30
N GLN A 385 -9.78 -29.00 -8.09
CA GLN A 385 -10.01 -28.27 -6.85
C GLN A 385 -8.94 -27.23 -6.54
N HIS A 386 -7.70 -27.52 -6.94
CA HIS A 386 -6.61 -26.61 -6.71
C HIS A 386 -6.30 -25.82 -7.98
N PHE A 387 -6.42 -26.45 -9.13
CA PHE A 387 -5.96 -25.82 -10.35
C PHE A 387 -6.86 -24.65 -10.79
N LEU A 388 -8.16 -24.88 -10.82
CA LEU A 388 -9.05 -23.84 -11.33
C LEU A 388 -9.02 -22.51 -10.53
N PRO A 389 -9.06 -22.58 -9.19
CA PRO A 389 -8.92 -21.35 -8.42
C PRO A 389 -7.57 -20.68 -8.65
N ALA A 390 -6.50 -21.46 -8.67
CA ALA A 390 -5.15 -20.91 -9.00
C ALA A 390 -5.06 -20.20 -10.39
N ALA A 391 -5.54 -20.88 -11.43
CA ALA A 391 -5.57 -20.26 -12.78
C ALA A 391 -6.38 -18.99 -12.79
N ASN A 392 -7.50 -19.00 -12.09
CA ASN A 392 -8.34 -17.83 -12.00
C ASN A 392 -7.62 -16.65 -11.30
N ALA A 393 -6.95 -16.96 -10.19
CA ALA A 393 -6.19 -15.93 -9.45
C ALA A 393 -5.04 -15.38 -10.27
N VAL A 394 -4.33 -16.25 -11.00
CA VAL A 394 -3.26 -15.76 -11.90
C VAL A 394 -3.81 -14.76 -12.91
N GLN A 395 -4.96 -15.09 -13.50
CA GLN A 395 -5.63 -14.21 -14.44
C GLN A 395 -5.87 -12.84 -13.77
N LYS A 396 -6.34 -12.85 -12.54
CA LYS A 396 -6.62 -11.61 -11.84
C LYS A 396 -5.35 -10.83 -11.53
N LEU A 397 -4.28 -11.55 -11.23
CA LEU A 397 -3.01 -10.94 -10.90
C LEU A 397 -2.31 -10.28 -12.09
N ILE A 398 -2.51 -10.85 -13.29
CA ILE A 398 -1.73 -10.42 -14.46
C ILE A 398 -2.54 -9.77 -15.60
N SER A 399 -3.86 -9.95 -15.64
CA SER A 399 -4.65 -9.39 -16.78
C SER A 399 -4.74 -7.87 -16.65
N GLU A 400 -4.59 -7.17 -17.78
CA GLU A 400 -4.76 -5.74 -17.81
C GLU A 400 -6.17 -5.32 -17.39
N ALA A 401 -7.16 -6.20 -17.56
CA ALA A 401 -8.52 -5.86 -17.13
C ALA A 401 -8.72 -6.02 -15.64
N GLU A 402 -7.75 -6.63 -14.95
CA GLU A 402 -7.88 -6.86 -13.52
C GLU A 402 -6.76 -6.11 -12.83
N MET A 403 -5.79 -6.80 -12.20
CA MET A 403 -4.72 -6.09 -11.47
C MET A 403 -3.45 -5.83 -12.26
N GLY A 404 -3.28 -6.57 -13.33
CA GLY A 404 -2.00 -6.68 -14.02
C GLY A 404 -1.31 -5.43 -14.53
N GLU A 405 -2.09 -4.48 -15.03
CA GLU A 405 -1.54 -3.21 -15.54
C GLU A 405 -1.62 -2.08 -14.52
N LEU A 406 -2.74 -1.96 -13.83
CA LEU A 406 -2.91 -0.90 -12.84
C LEU A 406 -1.91 -0.99 -11.69
N PHE A 407 -1.74 -2.19 -11.16
CA PHE A 407 -0.72 -2.42 -10.16
C PHE A 407 0.67 -2.44 -10.81
N LYS A 408 1.63 -1.88 -10.07
CA LYS A 408 3.02 -1.76 -10.47
C LYS A 408 3.90 -2.28 -9.34
N VAL A 409 5.16 -2.56 -9.66
CA VAL A 409 6.14 -2.93 -8.66
C VAL A 409 7.34 -2.01 -8.91
N ILE A 410 7.79 -1.32 -7.86
CA ILE A 410 9.00 -0.52 -7.86
C ILE A 410 9.95 -1.11 -6.84
N ALA A 411 11.22 -1.14 -7.16
CA ALA A 411 12.18 -1.64 -6.24
C ALA A 411 13.40 -0.76 -6.15
N PHE A 412 13.99 -0.74 -4.97
CA PHE A 412 15.24 -0.04 -4.71
C PHE A 412 16.25 -1.03 -4.19
N SER A 413 17.51 -0.67 -4.28
CA SER A 413 18.56 -1.53 -3.76
C SER A 413 19.79 -0.76 -3.28
N ARG A 414 20.57 -1.45 -2.46
CA ARG A 414 21.91 -1.00 -2.11
C ARG A 414 22.80 -2.23 -2.12
N GLY A 415 23.95 -2.11 -2.76
CA GLY A 415 24.89 -3.22 -2.83
C GLY A 415 24.49 -4.30 -3.82
N ILE A 416 23.59 -3.99 -4.73
CA ILE A 416 23.26 -4.89 -5.80
C ILE A 416 23.74 -4.28 -7.09
N ASP A 417 24.63 -5.00 -7.76
CA ASP A 417 25.25 -4.49 -8.97
C ASP A 417 24.54 -4.85 -10.26
N GLY A 418 23.93 -6.03 -10.31
CA GLY A 418 23.29 -6.51 -11.52
C GLY A 418 21.78 -6.24 -11.56
N ALA A 419 21.11 -6.89 -12.50
CA ALA A 419 19.66 -6.77 -12.69
C ALA A 419 18.93 -7.98 -12.06
N LEU A 420 17.71 -7.79 -11.56
CA LEU A 420 16.89 -8.93 -11.16
C LEU A 420 16.16 -9.49 -12.36
N ASP A 421 16.02 -10.81 -12.42
CA ASP A 421 15.20 -11.44 -13.44
C ASP A 421 13.77 -10.90 -13.51
N ALA A 422 13.19 -10.53 -12.36
CA ALA A 422 11.80 -10.05 -12.35
C ALA A 422 11.61 -8.74 -13.10
N PHE A 423 12.71 -8.03 -13.40
CA PHE A 423 12.67 -6.81 -14.19
C PHE A 423 13.31 -7.00 -15.57
N ALA A 424 13.60 -8.24 -15.97
CA ALA A 424 14.41 -8.46 -17.21
C ALA A 424 13.66 -8.22 -18.53
N ARG A 425 12.33 -8.11 -18.51
CA ARG A 425 11.57 -7.83 -19.69
C ARG A 425 10.53 -6.77 -19.35
N GLY A 426 10.36 -5.81 -20.23
CA GLY A 426 9.35 -4.78 -20.03
C GLY A 426 9.57 -3.80 -18.86
N ASP A 427 10.81 -3.64 -18.39
CA ASP A 427 11.05 -2.63 -17.37
C ASP A 427 10.73 -1.24 -17.90
N ARG A 428 10.06 -0.43 -17.06
CA ARG A 428 9.60 0.94 -17.42
C ARG A 428 10.32 2.06 -16.67
N SER A 429 11.49 1.79 -16.13
CA SER A 429 12.24 2.77 -15.33
C SER A 429 12.44 4.09 -16.09
N HIS A 430 12.73 4.01 -17.39
CA HIS A 430 13.01 5.21 -18.21
C HIS A 430 11.81 6.14 -18.32
N THR A 431 10.63 5.64 -18.00
CA THR A 431 9.42 6.46 -18.06
C THR A 431 9.14 7.26 -16.79
N LEU A 432 9.88 7.00 -15.71
CA LEU A 432 9.59 7.67 -14.45
C LEU A 432 9.96 9.13 -14.46
#